data_1B58
#
_entry.id   1B58
#
_cell.length_a   110.670
_cell.length_b   76.620
_cell.length_c   71.650
_cell.angle_alpha   90.00
_cell.angle_beta   90.00
_cell.angle_gamma   90.00
#
_symmetry.space_group_name_H-M   'P 21 21 21'
#
loop_
_entity.id
_entity.type
_entity.pdbx_description
1 polymer 'PROTEIN (OLIGO-PEPTIDE BINDING PROTEIN)'
2 polymer 'PROTEIN (LYS-TYR-LYS)'
3 non-polymer 'URANYL (VI) ION'
4 water water
#
loop_
_entity_poly.entity_id
_entity_poly.type
_entity_poly.pdbx_seq_one_letter_code
_entity_poly.pdbx_strand_id
1 'polypeptide(L)'
;ADVPAGVQLADKQTLVRNNGSEVQSLDPHKIEGVPESNVSRDLFEGLLISDVEGHPSPGVAEKWENKDFKVWTFHLRENA
KWSDGTPVTAHDFVYSWQRLADPNTASPYASYLQYGHIANIDDIIAGKKPATDLGVKALDDHTFEVTLSEPVPYFYKLLV
HPSVSPVPKSAVEKFGDKWTQPANIVTNGAYKLKNWVVNERIVLERNPQYWDNAKTVINQVTYLPISSEVTDVNRYRSGE
IDMTYNNMPIELFQKLKKEIPNEVRVDPYLCTYYYEINNQKAPFNDVRVRTALKLALDRDIIVNKVKNQGDLPAYSYTPP
YTDGAKLVEPEWFKWSQQKRNEEAKKLLAEAGFTADKPLTFDLLYNTSDLHKKLAIAVASIWKKNLGVNVNLENQEWKTF
LDTRHQGTFDVARAGWCADYNEPTSFLNTMLSDSSNNTAHYKSPAFDKLIADTLKVADDTQRSELYAKAEQQLDKDSAIV
PVYYYVNARLVKPWVGGYTGKDPLDNIYVKNLYIIKH
;
A
2 'polypeptide(L)' KYK B
#
loop_
_chem_comp.id
_chem_comp.type
_chem_comp.name
_chem_comp.formula
IUM non-polymer 'URANYL (VI) ION' 'O2 U 2'
#
# COMPACT_ATOMS: atom_id res chain seq x y z
N ALA A 1 0.62 7.33 22.80
CA ALA A 1 -0.75 6.90 23.17
C ALA A 1 -1.45 7.85 24.14
N ASP A 2 -2.77 7.89 24.08
CA ASP A 2 -3.59 8.67 25.00
C ASP A 2 -4.48 7.73 25.79
N VAL A 3 -3.98 7.34 26.97
CA VAL A 3 -4.67 6.38 27.82
C VAL A 3 -5.82 7.03 28.55
N PRO A 4 -7.02 6.49 28.44
CA PRO A 4 -8.20 7.05 29.10
C PRO A 4 -8.10 6.98 30.62
N ALA A 5 -8.81 7.89 31.28
CA ALA A 5 -8.84 7.95 32.74
C ALA A 5 -9.56 6.70 33.22
N GLY A 6 -9.09 6.09 34.30
CA GLY A 6 -9.74 4.86 34.76
C GLY A 6 -9.22 3.54 34.19
N VAL A 7 -8.42 3.54 33.12
CA VAL A 7 -7.88 2.30 32.59
C VAL A 7 -6.72 1.80 33.43
N GLN A 8 -6.64 0.49 33.67
CA GLN A 8 -5.48 -0.02 34.39
C GLN A 8 -4.55 -0.69 33.37
N LEU A 9 -3.32 -0.22 33.32
CA LEU A 9 -2.35 -0.72 32.37
C LEU A 9 -1.63 -1.95 32.87
N ALA A 10 -1.42 -2.94 32.03
CA ALA A 10 -0.63 -4.11 32.40
C ALA A 10 0.73 -3.61 32.88
N ASP A 11 1.38 -4.40 33.72
CA ASP A 11 2.71 -4.16 34.21
C ASP A 11 3.70 -4.40 33.07
N LYS A 12 3.45 -5.38 32.23
CA LYS A 12 4.27 -5.67 31.08
C LYS A 12 3.63 -5.05 29.83
N GLN A 13 4.34 -4.17 29.15
CA GLN A 13 3.80 -3.52 27.96
C GLN A 13 4.53 -4.04 26.73
N THR A 14 4.16 -5.24 26.29
CA THR A 14 4.77 -5.82 25.10
C THR A 14 3.66 -6.18 24.13
N LEU A 15 3.95 -6.26 22.84
CA LEU A 15 2.91 -6.55 21.86
C LEU A 15 3.48 -7.48 20.78
N VAL A 16 2.67 -8.43 20.29
CA VAL A 16 3.15 -9.27 19.18
C VAL A 16 2.15 -9.10 18.05
N ARG A 17 2.59 -8.68 16.88
CA ARG A 17 1.69 -8.46 15.75
C ARG A 17 2.05 -9.35 14.56
N ASN A 18 1.10 -9.99 13.90
CA ASN A 18 1.47 -10.75 12.71
C ASN A 18 1.53 -9.73 11.57
N ASN A 19 2.50 -9.88 10.66
CA ASN A 19 2.73 -8.90 9.60
C ASN A 19 2.64 -9.43 8.17
N GLY A 20 2.12 -10.64 7.98
CA GLY A 20 1.83 -11.22 6.71
C GLY A 20 2.94 -11.86 5.92
N SER A 21 4.18 -11.43 6.13
CA SER A 21 5.26 -12.00 5.35
C SER A 21 6.56 -11.37 5.81
N GLU A 22 7.70 -11.85 5.35
CA GLU A 22 9.02 -11.28 5.56
C GLU A 22 9.09 -9.96 4.77
N VAL A 23 9.59 -8.88 5.35
CA VAL A 23 9.64 -7.61 4.70
C VAL A 23 10.67 -7.67 3.59
N GLN A 24 10.45 -6.88 2.53
CA GLN A 24 11.49 -6.79 1.50
C GLN A 24 12.75 -6.15 2.10
N SER A 25 12.56 -5.12 2.96
CA SER A 25 13.72 -4.36 3.46
C SER A 25 13.25 -3.46 4.61
N LEU A 26 14.19 -2.85 5.32
CA LEU A 26 13.92 -1.89 6.35
C LEU A 26 14.28 -0.48 5.87
N ASP A 27 14.92 -0.40 4.71
CA ASP A 27 15.31 0.93 4.18
C ASP A 27 14.06 1.56 3.60
N PRO A 28 13.64 2.72 4.08
CA PRO A 28 12.45 3.36 3.60
C PRO A 28 12.42 3.64 2.10
N HIS A 29 13.55 3.73 1.40
CA HIS A 29 13.64 4.01 -0.01
C HIS A 29 13.61 2.75 -0.88
N LYS A 30 13.58 1.58 -0.26
CA LYS A 30 13.54 0.31 -0.97
C LYS A 30 12.27 -0.49 -0.75
N ILE A 31 11.25 0.03 -0.09
CA ILE A 31 10.03 -0.77 0.21
C ILE A 31 8.80 -0.37 -0.55
N GLU A 32 7.85 -1.29 -0.78
CA GLU A 32 6.65 -0.81 -1.51
C GLU A 32 5.41 -1.46 -0.97
N GLY A 33 5.47 -2.28 0.06
CA GLY A 33 4.24 -2.99 0.51
C GLY A 33 3.72 -2.60 1.87
N VAL A 34 2.58 -3.19 2.23
CA VAL A 34 1.93 -2.93 3.52
C VAL A 34 2.73 -3.51 4.66
N PRO A 35 3.25 -4.73 4.55
CA PRO A 35 4.06 -5.31 5.61
C PRO A 35 5.28 -4.45 5.90
N GLU A 36 5.93 -3.93 4.87
CA GLU A 36 7.11 -3.12 4.99
C GLU A 36 6.76 -1.77 5.65
N SER A 37 5.61 -1.21 5.31
CA SER A 37 5.17 0.07 5.84
C SER A 37 4.76 -0.06 7.30
N ASN A 38 4.22 -1.23 7.65
CA ASN A 38 3.80 -1.46 9.01
C ASN A 38 5.02 -1.27 9.92
N VAL A 39 6.13 -1.91 9.60
CA VAL A 39 7.31 -1.75 10.45
C VAL A 39 7.93 -0.37 10.29
N SER A 40 7.94 0.17 9.06
CA SER A 40 8.55 1.46 8.78
C SER A 40 7.95 2.58 9.62
N ARG A 41 6.63 2.58 9.85
CA ARG A 41 6.01 3.67 10.60
C ARG A 41 6.48 3.71 12.05
N ASP A 42 6.83 2.52 12.58
CA ASP A 42 7.35 2.45 13.93
C ASP A 42 8.80 2.92 14.02
N LEU A 43 9.60 2.78 12.97
CA LEU A 43 10.99 3.20 13.04
C LEU A 43 11.37 4.57 12.48
N PHE A 44 10.69 5.03 11.43
CA PHE A 44 11.07 6.25 10.74
C PHE A 44 9.86 7.18 10.66
N GLU A 45 10.09 8.43 11.11
CA GLU A 45 9.01 9.39 11.06
C GLU A 45 9.29 10.53 10.09
N GLY A 46 8.32 10.85 9.22
CA GLY A 46 8.46 11.93 8.29
C GLY A 46 7.92 13.26 8.80
N LEU A 47 7.59 14.16 7.86
CA LEU A 47 7.09 15.47 8.17
C LEU A 47 5.74 15.45 8.89
N LEU A 48 4.75 14.69 8.41
CA LEU A 48 3.44 14.51 8.98
C LEU A 48 3.25 13.02 9.34
N ILE A 49 2.35 12.68 10.25
CA ILE A 49 2.04 11.28 10.55
C ILE A 49 0.49 11.32 10.60
N SER A 50 -0.17 10.19 10.66
CA SER A 50 -1.58 10.13 10.88
C SER A 50 -1.88 10.05 12.37
N ASP A 51 -2.97 10.67 12.80
CA ASP A 51 -3.46 10.55 14.16
C ASP A 51 -4.25 9.25 14.22
N VAL A 52 -4.83 8.89 15.38
CA VAL A 52 -5.51 7.61 15.52
C VAL A 52 -6.78 7.50 14.69
N GLU A 53 -7.22 8.59 14.05
CA GLU A 53 -8.40 8.45 13.19
C GLU A 53 -7.98 8.57 11.75
N GLY A 54 -6.66 8.63 11.49
CA GLY A 54 -6.28 8.75 10.09
C GLY A 54 -6.02 10.09 9.51
N HIS A 55 -6.23 11.17 10.28
CA HIS A 55 -5.98 12.51 9.73
C HIS A 55 -4.49 12.86 9.74
N PRO A 56 -4.00 13.51 8.67
CA PRO A 56 -2.63 13.95 8.57
C PRO A 56 -2.33 14.92 9.70
N SER A 57 -1.29 14.67 10.50
CA SER A 57 -1.07 15.56 11.64
C SER A 57 0.42 15.74 11.82
N PRO A 58 0.80 16.63 12.71
CA PRO A 58 2.21 16.97 12.86
C PRO A 58 3.09 15.77 13.13
N GLY A 59 4.21 15.59 12.42
CA GLY A 59 5.13 14.51 12.82
C GLY A 59 6.42 15.28 13.22
N VAL A 60 7.47 15.22 12.41
CA VAL A 60 8.66 16.01 12.65
C VAL A 60 8.36 17.49 12.36
N ALA A 61 7.48 17.78 11.40
CA ALA A 61 7.06 19.16 11.20
C ALA A 61 5.95 19.50 12.20
N GLU A 62 6.16 20.57 13.02
CA GLU A 62 5.10 20.97 13.92
C GLU A 62 4.11 21.90 13.22
N LYS A 63 4.48 22.54 12.12
CA LYS A 63 3.47 23.38 11.44
C LYS A 63 3.98 23.67 10.04
N TRP A 64 3.05 23.93 9.13
CA TRP A 64 3.46 24.15 7.75
C TRP A 64 2.49 25.15 7.13
N GLU A 65 2.85 25.79 6.05
CA GLU A 65 2.03 26.73 5.33
C GLU A 65 2.35 26.48 3.84
N ASN A 66 1.52 26.98 2.98
CA ASN A 66 1.77 26.89 1.55
C ASN A 66 1.51 28.25 0.89
N LYS A 67 2.12 28.48 -0.27
CA LYS A 67 1.80 29.70 -1.00
C LYS A 67 1.25 29.25 -2.33
N ASP A 68 -0.03 29.49 -2.60
CA ASP A 68 -0.67 29.11 -3.85
C ASP A 68 -0.60 27.60 -4.09
N PHE A 69 -0.49 26.75 -3.06
CA PHE A 69 -0.34 25.32 -3.19
C PHE A 69 0.90 24.92 -3.98
N LYS A 70 1.90 25.77 -4.17
CA LYS A 70 3.07 25.41 -4.96
C LYS A 70 4.37 25.43 -4.13
N VAL A 71 4.40 26.30 -3.12
CA VAL A 71 5.60 26.38 -2.30
C VAL A 71 5.15 26.02 -0.87
N TRP A 72 5.67 24.91 -0.32
CA TRP A 72 5.18 24.46 0.98
C TRP A 72 6.33 24.58 1.97
N THR A 73 6.12 25.15 3.13
CA THR A 73 7.21 25.35 4.07
C THR A 73 6.91 24.60 5.35
N PHE A 74 7.84 23.74 5.77
CA PHE A 74 7.63 22.97 6.99
C PHE A 74 8.48 23.47 8.14
N HIS A 75 7.91 23.83 9.28
CA HIS A 75 8.67 24.24 10.47
C HIS A 75 8.90 23.03 11.34
N LEU A 76 10.12 22.55 11.47
CA LEU A 76 10.42 21.32 12.18
C LEU A 76 10.64 21.56 13.67
N ARG A 77 10.10 20.65 14.48
CA ARG A 77 10.23 20.87 15.93
C ARG A 77 11.70 20.78 16.31
N GLU A 78 12.13 21.63 17.23
CA GLU A 78 13.55 21.61 17.57
C GLU A 78 13.95 20.43 18.43
N ASN A 79 13.04 19.69 19.04
CA ASN A 79 13.55 18.55 19.82
C ASN A 79 13.49 17.21 19.10
N ALA A 80 13.30 17.18 17.79
CA ALA A 80 13.29 15.90 17.06
C ALA A 80 14.71 15.36 17.01
N LYS A 81 14.93 14.11 17.40
CA LYS A 81 16.25 13.51 17.41
C LYS A 81 16.21 12.09 16.84
N TRP A 82 17.36 11.66 16.36
CA TRP A 82 17.62 10.32 15.93
C TRP A 82 17.92 9.53 17.21
N SER A 83 17.86 8.20 17.14
CA SER A 83 18.14 7.34 18.27
C SER A 83 19.56 7.41 18.78
N ASP A 84 20.54 7.96 18.07
CA ASP A 84 21.88 8.11 18.58
C ASP A 84 22.00 9.46 19.31
N GLY A 85 20.92 10.17 19.56
CA GLY A 85 20.89 11.46 20.17
C GLY A 85 21.12 12.64 19.23
N THR A 86 21.46 12.47 17.95
CA THR A 86 21.69 13.64 17.09
C THR A 86 20.38 14.22 16.57
N PRO A 87 20.35 15.52 16.30
CA PRO A 87 19.15 16.21 15.88
C PRO A 87 18.61 15.83 14.52
N VAL A 88 17.27 15.79 14.36
CA VAL A 88 16.71 15.60 13.04
C VAL A 88 16.65 17.01 12.45
N THR A 89 17.21 17.26 11.29
CA THR A 89 17.18 18.63 10.75
C THR A 89 16.53 18.69 9.39
N ALA A 90 16.30 19.90 8.86
CA ALA A 90 15.85 19.99 7.48
C ALA A 90 16.86 19.42 6.48
N HIS A 91 18.16 19.46 6.79
CA HIS A 91 19.18 18.87 5.93
C HIS A 91 18.97 17.35 5.75
N ASP A 92 18.49 16.61 6.75
CA ASP A 92 18.22 15.19 6.60
C ASP A 92 17.16 14.96 5.51
N PHE A 93 16.13 15.82 5.46
CA PHE A 93 15.06 15.66 4.51
C PHE A 93 15.56 15.97 3.11
N VAL A 94 16.45 16.95 3.01
CA VAL A 94 17.01 17.33 1.70
C VAL A 94 17.76 16.13 1.14
N TYR A 95 18.66 15.59 1.93
CA TYR A 95 19.45 14.42 1.54
C TYR A 95 18.54 13.25 1.19
N SER A 96 17.58 12.96 2.07
CA SER A 96 16.69 11.84 1.87
C SER A 96 15.84 11.92 0.61
N TRP A 97 15.23 13.06 0.32
CA TRP A 97 14.42 13.15 -0.88
C TRP A 97 15.30 13.16 -2.10
N GLN A 98 16.53 13.71 -2.03
CA GLN A 98 17.43 13.56 -3.20
C GLN A 98 17.80 12.09 -3.39
N ARG A 99 18.01 11.30 -2.33
CA ARG A 99 18.37 9.90 -2.46
C ARG A 99 17.20 9.11 -3.08
N LEU A 100 15.97 9.49 -2.72
CA LEU A 100 14.80 8.81 -3.27
C LEU A 100 14.73 9.03 -4.77
N ALA A 101 14.95 10.29 -5.18
CA ALA A 101 14.86 10.69 -6.56
C ALA A 101 15.99 10.14 -7.46
N ASP A 102 17.16 9.93 -6.90
CA ASP A 102 18.34 9.44 -7.58
C ASP A 102 18.23 8.05 -8.21
N PRO A 103 18.44 7.94 -9.52
CA PRO A 103 18.40 6.70 -10.27
C PRO A 103 19.31 5.63 -9.73
N ASN A 104 20.47 6.00 -9.19
CA ASN A 104 21.35 5.05 -8.53
C ASN A 104 20.65 4.37 -7.35
N THR A 105 19.74 5.00 -6.62
CA THR A 105 19.02 4.28 -5.57
C THR A 105 18.10 3.21 -6.15
N ALA A 106 17.54 3.42 -7.33
CA ALA A 106 16.62 2.54 -7.97
C ALA A 106 15.41 2.27 -7.05
N SER A 107 14.92 3.29 -6.38
CA SER A 107 13.77 3.05 -5.47
C SER A 107 12.57 2.66 -6.31
N PRO A 108 11.85 1.64 -5.88
CA PRO A 108 10.59 1.25 -6.50
C PRO A 108 9.57 2.35 -6.32
N TYR A 109 9.78 3.25 -5.34
CA TYR A 109 8.86 4.35 -5.13
C TYR A 109 9.40 5.67 -5.62
N ALA A 110 10.39 5.67 -6.54
CA ALA A 110 10.91 6.91 -7.09
C ALA A 110 9.82 7.83 -7.63
N SER A 111 8.79 7.28 -8.25
CA SER A 111 7.70 8.09 -8.80
C SER A 111 6.85 8.78 -7.76
N TYR A 112 6.97 8.48 -6.46
CA TYR A 112 6.17 9.20 -5.47
C TYR A 112 6.47 10.71 -5.53
N LEU A 113 7.67 11.13 -5.96
CA LEU A 113 8.02 12.54 -6.08
C LEU A 113 7.43 13.17 -7.34
N GLN A 114 7.08 12.36 -8.33
CA GLN A 114 6.33 12.85 -9.49
C GLN A 114 4.86 13.05 -9.13
N TYR A 115 4.32 12.20 -8.29
CA TYR A 115 2.94 12.29 -7.81
C TYR A 115 2.78 13.61 -7.04
N GLY A 116 3.81 14.03 -6.26
CA GLY A 116 3.73 15.32 -5.59
C GLY A 116 4.13 16.49 -6.49
N HIS A 117 4.74 16.20 -7.63
CA HIS A 117 5.19 17.15 -8.62
C HIS A 117 6.28 18.10 -8.13
N ILE A 118 7.23 17.62 -7.35
CA ILE A 118 8.35 18.44 -6.89
C ILE A 118 9.12 18.90 -8.14
N ALA A 119 9.57 20.14 -8.15
CA ALA A 119 10.27 20.76 -9.25
C ALA A 119 11.47 19.92 -9.65
N ASN A 120 11.59 19.68 -10.97
CA ASN A 120 12.69 19.01 -11.61
C ASN A 120 12.72 17.49 -11.51
N ILE A 121 11.74 16.87 -10.85
CA ILE A 121 11.79 15.42 -10.67
C ILE A 121 11.87 14.65 -11.97
N ASP A 122 11.15 15.03 -13.01
CA ASP A 122 11.16 14.28 -14.27
C ASP A 122 12.54 14.16 -14.89
N ASP A 123 13.28 15.28 -14.90
CA ASP A 123 14.63 15.30 -15.43
C ASP A 123 15.59 14.48 -14.59
N ILE A 124 15.39 14.55 -13.26
CA ILE A 124 16.26 13.81 -12.36
C ILE A 124 16.08 12.31 -12.57
N ILE A 125 14.83 11.88 -12.66
CA ILE A 125 14.52 10.45 -12.86
C ILE A 125 15.04 9.98 -14.21
N ALA A 126 15.09 10.87 -15.20
CA ALA A 126 15.55 10.52 -16.53
C ALA A 126 17.06 10.60 -16.69
N GLY A 127 17.84 10.99 -15.69
CA GLY A 127 19.27 11.05 -15.77
C GLY A 127 19.79 12.34 -16.40
N LYS A 128 18.90 13.23 -16.81
CA LYS A 128 19.23 14.50 -17.42
C LYS A 128 19.80 15.51 -16.44
N LYS A 129 19.33 15.54 -15.19
CA LYS A 129 19.86 16.48 -14.21
C LYS A 129 20.20 15.68 -12.96
N PRO A 130 21.16 16.14 -12.19
CA PRO A 130 21.55 15.51 -10.96
C PRO A 130 20.48 15.74 -9.89
N ALA A 131 20.49 14.89 -8.87
CA ALA A 131 19.55 14.84 -7.77
C ALA A 131 19.57 16.10 -6.91
N THR A 132 20.69 16.81 -6.92
CA THR A 132 20.84 18.09 -6.25
C THR A 132 20.07 19.19 -6.94
N ASP A 133 19.53 18.99 -8.16
CA ASP A 133 18.60 19.96 -8.69
C ASP A 133 17.17 19.82 -8.12
N LEU A 134 16.92 18.86 -7.26
CA LEU A 134 15.53 18.67 -6.78
C LEU A 134 15.01 19.91 -6.13
N GLY A 135 13.77 20.30 -6.33
CA GLY A 135 13.20 21.48 -5.71
C GLY A 135 12.85 21.41 -4.23
N VAL A 136 13.80 21.11 -3.36
CA VAL A 136 13.62 21.13 -1.92
C VAL A 136 14.85 21.87 -1.38
N LYS A 137 14.75 22.56 -0.26
CA LYS A 137 15.91 23.22 0.31
C LYS A 137 15.70 23.41 1.81
N ALA A 138 16.81 23.40 2.54
CA ALA A 138 16.77 23.66 3.97
C ALA A 138 17.08 25.18 4.09
N LEU A 139 16.13 25.93 4.59
CA LEU A 139 16.30 27.37 4.75
C LEU A 139 17.16 27.66 5.98
N ASP A 140 17.14 26.74 6.94
CA ASP A 140 17.97 26.66 8.12
C ASP A 140 17.80 25.25 8.68
N ASP A 141 18.40 24.91 9.81
CA ASP A 141 18.26 23.59 10.40
C ASP A 141 16.80 23.18 10.67
N HIS A 142 15.88 24.12 10.93
CA HIS A 142 14.51 23.73 11.25
C HIS A 142 13.50 24.10 10.22
N THR A 143 13.91 24.37 8.97
CA THR A 143 12.92 24.87 8.01
C THR A 143 13.13 24.22 6.65
N PHE A 144 12.15 23.44 6.21
CA PHE A 144 12.30 22.67 4.96
C PHE A 144 11.31 23.19 3.95
N GLU A 145 11.77 23.64 2.79
CA GLU A 145 10.91 24.26 1.79
C GLU A 145 10.84 23.45 0.53
N VAL A 146 9.62 23.19 0.06
CA VAL A 146 9.43 22.36 -1.13
C VAL A 146 8.74 23.18 -2.21
N THR A 147 9.28 23.09 -3.42
CA THR A 147 8.73 23.83 -4.55
C THR A 147 8.20 22.84 -5.57
N LEU A 148 6.91 23.00 -5.92
CA LEU A 148 6.29 22.12 -6.91
C LEU A 148 6.24 22.78 -8.28
N SER A 149 6.10 22.02 -9.35
CA SER A 149 6.00 22.69 -10.66
C SER A 149 4.58 23.10 -10.98
N GLU A 150 3.58 22.64 -10.22
CA GLU A 150 2.18 22.92 -10.33
C GLU A 150 1.55 22.96 -8.90
N PRO A 151 0.42 23.64 -8.79
CA PRO A 151 -0.31 23.73 -7.53
C PRO A 151 -0.91 22.37 -7.23
N VAL A 152 -0.68 21.82 -6.05
CA VAL A 152 -1.21 20.52 -5.64
C VAL A 152 -1.78 20.75 -4.25
N PRO A 153 -3.10 20.96 -4.14
CA PRO A 153 -3.78 21.27 -2.91
C PRO A 153 -3.75 20.13 -1.90
N TYR A 154 -3.66 18.87 -2.37
CA TYR A 154 -3.57 17.74 -1.44
C TYR A 154 -2.15 17.28 -1.22
N PHE A 155 -1.11 18.06 -1.58
CA PHE A 155 0.28 17.64 -1.42
C PHE A 155 0.63 17.14 -0.02
N TYR A 156 0.25 17.87 1.04
CA TYR A 156 0.63 17.49 2.39
C TYR A 156 0.08 16.09 2.75
N LYS A 157 -1.01 15.63 2.18
CA LYS A 157 -1.57 14.31 2.41
C LYS A 157 -0.62 13.18 2.03
N LEU A 158 0.22 13.37 1.03
CA LEU A 158 1.21 12.41 0.61
C LEU A 158 2.29 12.13 1.67
N LEU A 159 2.53 13.09 2.55
CA LEU A 159 3.69 13.07 3.42
C LEU A 159 3.72 12.06 4.54
N VAL A 160 2.69 11.26 4.79
CA VAL A 160 2.70 10.26 5.83
C VAL A 160 3.33 8.95 5.36
N HIS A 161 3.58 8.80 4.09
CA HIS A 161 4.13 7.62 3.43
C HIS A 161 5.59 7.39 3.72
N PRO A 162 6.02 6.16 3.98
CA PRO A 162 7.39 5.84 4.32
C PRO A 162 8.47 6.27 3.37
N SER A 163 8.13 6.36 2.07
CA SER A 163 9.25 6.70 1.16
C SER A 163 9.68 8.14 1.30
N VAL A 164 8.90 9.01 1.93
CA VAL A 164 9.32 10.38 2.18
C VAL A 164 9.74 10.59 3.64
N SER A 165 10.07 9.51 4.34
CA SER A 165 10.68 9.60 5.67
C SER A 165 12.19 9.82 5.51
N PRO A 166 12.87 10.34 6.51
CA PRO A 166 14.30 10.61 6.46
C PRO A 166 15.11 9.37 6.74
N VAL A 167 16.32 9.32 6.20
CA VAL A 167 17.27 8.25 6.44
C VAL A 167 18.53 8.99 6.94
N PRO A 168 19.25 8.36 7.85
CA PRO A 168 20.43 9.00 8.44
C PRO A 168 21.64 8.87 7.54
N LYS A 169 22.05 9.90 6.83
CA LYS A 169 23.16 9.91 5.89
C LYS A 169 24.45 9.28 6.39
N SER A 170 24.87 9.59 7.61
CA SER A 170 26.10 8.99 8.16
C SER A 170 26.02 7.48 8.22
N ALA A 171 24.90 6.84 8.57
CA ALA A 171 24.87 5.38 8.56
C ALA A 171 24.81 4.81 7.15
N VAL A 172 24.03 5.51 6.31
CA VAL A 172 23.89 5.06 4.93
C VAL A 172 25.25 5.07 4.24
N GLU A 173 25.98 6.18 4.36
CA GLU A 173 27.29 6.25 3.71
C GLU A 173 28.35 5.32 4.28
N LYS A 174 28.33 5.11 5.58
CA LYS A 174 29.30 4.25 6.22
C LYS A 174 29.06 2.78 5.97
N PHE A 175 27.82 2.28 6.13
CA PHE A 175 27.56 0.85 5.98
C PHE A 175 26.93 0.41 4.69
N GLY A 176 26.59 1.29 3.77
CA GLY A 176 25.93 0.85 2.53
C GLY A 176 24.66 0.07 2.86
N ASP A 177 24.46 -1.05 2.19
CA ASP A 177 23.32 -1.93 2.30
C ASP A 177 23.17 -2.58 3.66
N LYS A 178 24.20 -2.58 4.51
CA LYS A 178 24.09 -3.13 5.84
C LYS A 178 23.74 -2.09 6.88
N TRP A 179 23.41 -0.87 6.52
CA TRP A 179 23.02 0.18 7.46
C TRP A 179 21.78 -0.13 8.28
N THR A 180 20.92 -1.03 7.81
CA THR A 180 19.70 -1.40 8.48
C THR A 180 19.91 -2.56 9.46
N GLN A 181 21.11 -3.13 9.58
CA GLN A 181 21.32 -4.17 10.58
C GLN A 181 21.18 -3.50 11.95
N PRO A 182 20.83 -4.25 12.98
CA PRO A 182 20.60 -3.70 14.30
C PRO A 182 21.79 -2.96 14.86
N ALA A 183 23.02 -3.44 14.63
CA ALA A 183 24.15 -2.70 15.20
C ALA A 183 24.40 -1.41 14.46
N ASN A 184 23.94 -1.23 13.21
CA ASN A 184 24.28 -0.04 12.48
C ASN A 184 23.14 0.95 12.38
N ILE A 185 21.90 0.45 12.31
CA ILE A 185 20.78 1.35 12.06
C ILE A 185 20.66 2.49 13.01
N VAL A 186 20.12 3.61 12.55
CA VAL A 186 19.80 4.77 13.38
C VAL A 186 18.38 5.19 13.00
N THR A 187 17.47 5.44 13.95
CA THR A 187 16.07 5.72 13.65
C THR A 187 15.50 6.97 14.31
N ASN A 188 14.37 7.49 13.81
CA ASN A 188 13.86 8.72 14.44
C ASN A 188 12.40 8.55 14.86
N GLY A 189 11.92 7.29 14.78
CA GLY A 189 10.51 7.07 15.16
C GLY A 189 10.48 6.67 16.64
N ALA A 190 9.32 6.21 17.11
CA ALA A 190 9.18 5.90 18.53
C ALA A 190 9.89 4.63 18.93
N TYR A 191 10.32 3.81 17.97
CA TYR A 191 11.00 2.56 18.25
C TYR A 191 12.35 2.48 17.53
N LYS A 192 13.16 1.53 17.90
CA LYS A 192 14.41 1.28 17.22
C LYS A 192 14.50 -0.24 17.04
N LEU A 193 15.38 -0.71 16.18
CA LEU A 193 15.45 -2.15 15.91
C LEU A 193 16.28 -2.84 16.96
N LYS A 194 15.76 -3.90 17.55
CA LYS A 194 16.52 -4.69 18.51
C LYS A 194 17.00 -5.96 17.80
N ASN A 195 16.11 -6.66 17.09
CA ASN A 195 16.54 -7.89 16.43
C ASN A 195 15.83 -8.10 15.09
N TRP A 196 16.47 -8.78 14.15
CA TRP A 196 15.86 -9.11 12.86
C TRP A 196 16.39 -10.48 12.43
N VAL A 197 15.56 -11.50 12.61
CA VAL A 197 15.94 -12.84 12.15
C VAL A 197 14.99 -13.15 10.99
N VAL A 198 15.53 -13.20 9.79
CA VAL A 198 14.83 -13.41 8.55
C VAL A 198 13.94 -14.62 8.56
N ASN A 199 12.67 -14.44 8.17
CA ASN A 199 11.68 -15.48 8.21
C ASN A 199 11.45 -15.92 9.64
N GLU A 200 11.77 -15.15 10.66
CA GLU A 200 11.37 -15.59 12.03
C GLU A 200 10.68 -14.49 12.79
N ARG A 201 11.37 -13.37 12.99
CA ARG A 201 10.78 -12.22 13.67
C ARG A 201 11.63 -10.96 13.50
N ILE A 202 10.97 -9.83 13.75
CA ILE A 202 11.51 -8.51 13.87
C ILE A 202 11.12 -7.98 15.25
N VAL A 203 12.08 -7.59 16.08
CA VAL A 203 11.73 -7.09 17.42
C VAL A 203 12.19 -5.63 17.52
N LEU A 204 11.32 -4.71 17.92
CA LEU A 204 11.56 -3.30 18.04
C LEU A 204 11.46 -2.95 19.53
N GLU A 205 12.25 -1.98 19.97
CA GLU A 205 12.19 -1.57 21.38
C GLU A 205 12.06 -0.05 21.38
N ARG A 206 11.49 0.49 22.43
CA ARG A 206 11.22 1.92 22.50
C ARG A 206 12.52 2.68 22.35
N ASN A 207 12.38 3.82 21.68
CA ASN A 207 13.48 4.70 21.33
C ASN A 207 13.34 5.91 22.26
N PRO A 208 14.17 5.97 23.29
CA PRO A 208 14.09 7.03 24.29
C PRO A 208 14.35 8.44 23.77
N GLN A 209 15.02 8.60 22.63
CA GLN A 209 15.29 9.88 22.02
C GLN A 209 14.10 10.43 21.24
N TYR A 210 13.07 9.60 21.00
CA TYR A 210 11.91 10.06 20.22
C TYR A 210 11.34 11.30 20.90
N TRP A 211 11.06 12.37 20.18
CA TRP A 211 10.50 13.57 20.78
C TRP A 211 9.21 13.36 21.58
N ASP A 212 8.31 12.46 21.20
CA ASP A 212 7.08 12.20 21.94
C ASP A 212 7.23 10.97 22.83
N ASN A 213 8.44 10.56 23.19
CA ASN A 213 8.65 9.36 24.02
C ASN A 213 7.83 9.31 25.31
N ALA A 214 7.55 10.44 25.95
CA ALA A 214 6.80 10.45 27.19
C ALA A 214 5.40 9.88 26.99
N LYS A 215 4.83 9.90 25.80
CA LYS A 215 3.53 9.34 25.52
C LYS A 215 3.57 7.91 25.00
N THR A 216 4.73 7.35 24.72
CA THR A 216 4.79 5.97 24.19
C THR A 216 4.55 5.02 25.35
N VAL A 217 3.68 4.05 25.18
CA VAL A 217 3.42 3.11 26.30
C VAL A 217 4.07 1.76 26.08
N ILE A 218 3.91 1.10 24.95
CA ILE A 218 4.47 -0.21 24.66
C ILE A 218 5.99 -0.14 24.56
N ASN A 219 6.70 -0.95 25.31
CA ASN A 219 8.15 -0.97 25.35
C ASN A 219 8.79 -1.85 24.30
N GLN A 220 8.09 -2.91 23.90
CA GLN A 220 8.62 -3.81 22.89
C GLN A 220 7.50 -4.31 21.98
N VAL A 221 7.74 -4.36 20.67
CA VAL A 221 6.74 -4.94 19.77
C VAL A 221 7.49 -5.94 18.86
N THR A 222 6.90 -7.09 18.66
CA THR A 222 7.43 -8.08 17.75
C THR A 222 6.53 -8.18 16.53
N TYR A 223 7.11 -8.16 15.35
CA TYR A 223 6.39 -8.38 14.09
C TYR A 223 6.74 -9.78 13.58
N LEU A 224 5.76 -10.62 13.30
CA LEU A 224 6.03 -11.96 12.75
C LEU A 224 5.72 -12.02 11.26
N PRO A 225 6.32 -12.92 10.52
CA PRO A 225 6.16 -12.99 9.07
C PRO A 225 5.28 -14.12 8.61
N ILE A 226 4.16 -14.38 9.28
CA ILE A 226 3.42 -15.60 8.92
C ILE A 226 2.50 -15.32 7.76
N SER A 227 2.64 -16.05 6.67
CA SER A 227 1.79 -15.72 5.51
C SER A 227 0.54 -16.57 5.41
N SER A 228 0.43 -17.57 6.29
CA SER A 228 -0.76 -18.41 6.39
C SER A 228 -1.77 -17.73 7.31
N GLU A 229 -2.93 -17.31 6.79
CA GLU A 229 -3.93 -16.68 7.64
C GLU A 229 -4.52 -17.59 8.70
N VAL A 230 -4.64 -18.88 8.40
CA VAL A 230 -5.10 -19.92 9.30
C VAL A 230 -4.10 -20.05 10.45
N THR A 231 -2.82 -20.06 10.19
CA THR A 231 -1.79 -20.16 11.22
C THR A 231 -1.75 -18.91 12.10
N ASP A 232 -2.01 -17.74 11.50
CA ASP A 232 -2.02 -16.50 12.27
C ASP A 232 -3.17 -16.55 13.27
N VAL A 233 -4.35 -17.05 12.84
CA VAL A 233 -5.49 -17.15 13.72
C VAL A 233 -5.22 -18.15 14.85
N ASN A 234 -4.64 -19.30 14.50
CA ASN A 234 -4.36 -20.31 15.52
C ASN A 234 -3.42 -19.75 16.59
N ARG A 235 -2.34 -19.08 16.17
CA ARG A 235 -1.41 -18.55 17.17
C ARG A 235 -2.00 -17.39 17.91
N TYR A 236 -2.93 -16.65 17.30
CA TYR A 236 -3.66 -15.60 18.01
C TYR A 236 -4.49 -16.26 19.15
N ARG A 237 -5.27 -17.28 18.78
CA ARG A 237 -6.17 -17.95 19.72
C ARG A 237 -5.45 -18.76 20.78
N SER A 238 -4.21 -19.18 20.57
CA SER A 238 -3.43 -19.87 21.55
C SER A 238 -2.81 -18.85 22.51
N GLY A 239 -2.87 -17.55 22.19
CA GLY A 239 -2.41 -16.52 23.09
C GLY A 239 -1.07 -15.91 22.70
N GLU A 240 -0.37 -16.38 21.71
CA GLU A 240 0.91 -15.90 21.25
C GLU A 240 0.88 -14.57 20.48
N ILE A 241 -0.15 -14.28 19.73
CA ILE A 241 -0.28 -13.10 18.90
C ILE A 241 -1.40 -12.21 19.39
N ASP A 242 -1.12 -10.93 19.66
CA ASP A 242 -2.15 -10.01 20.12
C ASP A 242 -3.00 -9.41 19.02
N MET A 243 -2.41 -9.23 17.83
CA MET A 243 -3.19 -8.61 16.74
C MET A 243 -2.84 -9.40 15.47
N THR A 244 -3.80 -9.99 14.78
CA THR A 244 -3.42 -10.71 13.56
C THR A 244 -3.10 -9.69 12.44
N TYR A 245 -2.61 -10.22 11.34
CA TYR A 245 -2.42 -9.39 10.14
C TYR A 245 -3.82 -9.21 9.57
N ASN A 246 -4.07 -8.34 8.62
CA ASN A 246 -5.45 -8.16 8.16
C ASN A 246 -5.68 -8.74 6.79
N ASN A 247 -5.59 -10.02 6.68
CA ASN A 247 -5.93 -10.94 5.60
C ASN A 247 -6.61 -12.09 6.40
N MET A 248 -7.84 -12.42 6.10
CA MET A 248 -8.53 -13.47 6.87
C MET A 248 -8.78 -14.77 6.12
N PRO A 249 -8.65 -15.90 6.82
CA PRO A 249 -8.79 -17.22 6.24
C PRO A 249 -10.24 -17.60 5.98
N ILE A 250 -10.45 -18.09 4.75
CA ILE A 250 -11.77 -18.56 4.32
C ILE A 250 -12.21 -19.69 5.23
N GLU A 251 -11.29 -20.61 5.50
CA GLU A 251 -11.47 -21.74 6.38
C GLU A 251 -12.12 -21.39 7.71
N LEU A 252 -11.59 -20.41 8.44
CA LEU A 252 -12.09 -20.06 9.75
C LEU A 252 -12.93 -18.81 9.95
N PHE A 253 -12.82 -17.74 9.17
CA PHE A 253 -13.49 -16.49 9.44
C PHE A 253 -14.89 -16.54 10.03
N GLN A 254 -15.86 -17.04 9.25
CA GLN A 254 -17.26 -17.04 9.65
C GLN A 254 -17.47 -17.68 11.01
N LYS A 255 -16.70 -18.69 11.32
CA LYS A 255 -16.60 -19.35 12.62
C LYS A 255 -16.24 -18.31 13.68
N LEU A 256 -15.26 -17.43 13.44
CA LEU A 256 -14.81 -16.45 14.41
C LEU A 256 -15.84 -15.39 14.74
N LYS A 257 -16.61 -14.82 13.82
CA LYS A 257 -17.66 -13.84 14.16
C LYS A 257 -18.66 -14.47 15.15
N LYS A 258 -18.93 -15.75 14.93
CA LYS A 258 -19.78 -16.54 15.81
C LYS A 258 -19.09 -16.76 17.15
N GLU A 259 -17.84 -17.24 17.17
CA GLU A 259 -17.23 -17.57 18.45
C GLU A 259 -16.64 -16.41 19.22
N ILE A 260 -16.01 -15.40 18.59
CA ILE A 260 -15.36 -14.34 19.36
C ILE A 260 -15.66 -12.97 18.78
N PRO A 261 -16.93 -12.58 18.76
CA PRO A 261 -17.41 -11.36 18.15
C PRO A 261 -16.76 -10.06 18.56
N ASN A 262 -16.49 -9.83 19.84
CA ASN A 262 -15.84 -8.64 20.30
C ASN A 262 -14.35 -8.52 19.91
N GLU A 263 -13.75 -9.55 19.35
CA GLU A 263 -12.35 -9.51 18.94
C GLU A 263 -12.23 -9.34 17.42
N VAL A 264 -13.32 -9.50 16.70
CA VAL A 264 -13.22 -9.39 15.23
C VAL A 264 -13.48 -7.93 14.87
N ARG A 265 -12.52 -7.27 14.24
CA ARG A 265 -12.72 -5.88 13.86
C ARG A 265 -12.93 -5.83 12.35
N VAL A 266 -13.94 -5.14 11.87
CA VAL A 266 -14.20 -5.10 10.44
C VAL A 266 -14.47 -3.65 10.08
N ASP A 267 -13.58 -2.98 9.34
CA ASP A 267 -13.75 -1.57 9.04
C ASP A 267 -13.42 -1.30 7.56
N PRO A 268 -13.88 -0.17 7.07
CA PRO A 268 -13.63 0.25 5.69
C PRO A 268 -12.15 0.33 5.44
N TYR A 269 -11.75 0.02 4.20
CA TYR A 269 -10.30 0.01 3.90
C TYR A 269 -10.14 0.50 2.49
N LEU A 270 -9.23 1.41 2.18
CA LEU A 270 -9.13 1.86 0.77
C LEU A 270 -8.14 1.01 -0.03
N CYS A 271 -8.57 -0.20 -0.36
CA CYS A 271 -7.72 -1.12 -1.11
C CYS A 271 -8.62 -1.90 -2.09
N THR A 272 -8.02 -2.32 -3.18
CA THR A 272 -8.78 -3.07 -4.18
C THR A 272 -8.00 -4.35 -4.50
N TYR A 273 -8.71 -5.44 -4.53
CA TYR A 273 -8.23 -6.76 -4.91
C TYR A 273 -8.52 -6.97 -6.40
N TYR A 274 -7.50 -7.32 -7.17
CA TYR A 274 -7.72 -7.50 -8.60
C TYR A 274 -6.74 -8.49 -9.19
N TYR A 275 -6.99 -8.94 -10.42
CA TYR A 275 -6.03 -9.76 -11.15
C TYR A 275 -5.34 -8.78 -12.09
N GLU A 276 -4.01 -8.76 -11.91
CA GLU A 276 -3.20 -7.85 -12.73
C GLU A 276 -2.83 -8.58 -14.01
N ILE A 277 -3.09 -7.95 -15.13
CA ILE A 277 -2.70 -8.56 -16.41
C ILE A 277 -1.40 -7.92 -16.89
N ASN A 278 -0.45 -8.68 -17.36
CA ASN A 278 0.76 -8.13 -17.97
C ASN A 278 0.34 -7.60 -19.35
N ASN A 279 0.11 -6.31 -19.52
CA ASN A 279 -0.42 -5.79 -20.75
C ASN A 279 0.55 -5.83 -21.94
N GLN A 280 1.85 -5.95 -21.72
CA GLN A 280 2.76 -5.99 -22.88
C GLN A 280 3.12 -7.40 -23.30
N LYS A 281 2.59 -8.45 -22.66
CA LYS A 281 2.90 -9.83 -23.04
C LYS A 281 1.77 -10.48 -23.81
N ALA A 282 2.08 -10.91 -25.04
CA ALA A 282 1.09 -11.56 -25.91
C ALA A 282 0.70 -12.87 -25.29
N PRO A 283 -0.55 -13.26 -25.40
CA PRO A 283 -1.60 -12.56 -26.07
C PRO A 283 -2.40 -11.59 -25.21
N PHE A 284 -1.90 -11.13 -24.07
CA PHE A 284 -2.58 -10.18 -23.21
C PHE A 284 -2.48 -8.75 -23.68
N ASN A 285 -1.76 -8.50 -24.76
CA ASN A 285 -1.64 -7.21 -25.40
C ASN A 285 -2.83 -7.04 -26.35
N ASP A 286 -3.72 -8.03 -26.42
CA ASP A 286 -4.94 -7.92 -27.18
C ASP A 286 -6.07 -7.57 -26.20
N VAL A 287 -6.78 -6.46 -26.36
CA VAL A 287 -7.88 -6.04 -25.51
C VAL A 287 -9.02 -7.01 -25.42
N ARG A 288 -9.24 -7.79 -26.51
CA ARG A 288 -10.35 -8.72 -26.46
C ARG A 288 -10.07 -9.80 -25.42
N VAL A 289 -8.80 -10.23 -25.34
CA VAL A 289 -8.47 -11.28 -24.38
C VAL A 289 -8.64 -10.70 -22.98
N ARG A 290 -8.14 -9.51 -22.72
CA ARG A 290 -8.28 -8.92 -21.36
C ARG A 290 -9.71 -8.74 -20.94
N THR A 291 -10.57 -8.24 -21.84
CA THR A 291 -11.99 -8.03 -21.62
C THR A 291 -12.74 -9.33 -21.36
N ALA A 292 -12.37 -10.39 -22.09
CA ALA A 292 -13.04 -11.68 -21.86
C ALA A 292 -12.77 -12.14 -20.43
N LEU A 293 -11.50 -12.02 -19.97
CA LEU A 293 -11.20 -12.45 -18.60
C LEU A 293 -11.93 -11.61 -17.58
N LYS A 294 -12.01 -10.30 -17.85
CA LYS A 294 -12.73 -9.41 -16.96
C LYS A 294 -14.19 -9.80 -16.89
N LEU A 295 -14.85 -9.99 -18.06
CA LEU A 295 -16.28 -10.35 -18.06
C LEU A 295 -16.60 -11.73 -17.50
N ALA A 296 -15.85 -12.77 -17.84
CA ALA A 296 -16.14 -14.13 -17.39
C ALA A 296 -15.87 -14.42 -15.93
N LEU A 297 -15.18 -13.52 -15.23
CA LEU A 297 -15.00 -13.74 -13.79
C LEU A 297 -16.34 -13.45 -13.13
N ASP A 298 -16.92 -14.35 -12.38
CA ASP A 298 -18.16 -14.13 -11.66
C ASP A 298 -17.85 -13.63 -10.25
N ARG A 299 -18.01 -12.33 -10.04
CA ARG A 299 -17.72 -11.74 -8.73
C ARG A 299 -18.70 -12.13 -7.64
N ASP A 300 -19.97 -12.36 -7.96
CA ASP A 300 -20.95 -12.71 -6.94
C ASP A 300 -20.54 -14.02 -6.25
N ILE A 301 -20.13 -14.99 -7.03
CA ILE A 301 -19.66 -16.26 -6.50
C ILE A 301 -18.43 -16.00 -5.63
N ILE A 302 -17.44 -15.29 -6.17
CA ILE A 302 -16.23 -15.09 -5.38
C ILE A 302 -16.43 -14.29 -4.10
N VAL A 303 -17.07 -13.14 -4.25
CA VAL A 303 -17.24 -12.24 -3.10
C VAL A 303 -18.24 -12.73 -2.08
N ASN A 304 -19.43 -13.09 -2.53
CA ASN A 304 -20.52 -13.49 -1.65
C ASN A 304 -20.52 -14.98 -1.30
N LYS A 305 -20.11 -15.83 -2.23
CA LYS A 305 -20.13 -17.27 -1.92
C LYS A 305 -18.78 -17.78 -1.40
N VAL A 306 -17.70 -17.70 -2.17
CA VAL A 306 -16.40 -18.24 -1.81
C VAL A 306 -15.69 -17.52 -0.66
N LYS A 307 -15.56 -16.20 -0.67
CA LYS A 307 -14.86 -15.53 0.43
C LYS A 307 -15.88 -15.14 1.50
N ASN A 308 -16.94 -14.45 1.11
CA ASN A 308 -18.00 -14.00 2.01
C ASN A 308 -17.54 -13.35 3.30
N GLN A 309 -16.61 -12.39 3.22
CA GLN A 309 -16.07 -11.74 4.41
C GLN A 309 -16.42 -10.26 4.57
N GLY A 310 -17.34 -9.76 3.75
CA GLY A 310 -17.83 -8.38 3.82
C GLY A 310 -17.35 -7.46 2.70
N ASP A 311 -16.59 -8.01 1.76
CA ASP A 311 -16.06 -7.24 0.64
C ASP A 311 -17.12 -6.90 -0.40
N LEU A 312 -16.87 -5.87 -1.18
CA LEU A 312 -17.81 -5.43 -2.19
C LEU A 312 -17.26 -5.77 -3.56
N PRO A 313 -18.07 -6.37 -4.41
CA PRO A 313 -17.68 -6.64 -5.79
C PRO A 313 -17.21 -5.34 -6.44
N ALA A 314 -16.08 -5.38 -7.14
CA ALA A 314 -15.49 -4.18 -7.71
C ALA A 314 -15.73 -4.02 -9.20
N TYR A 315 -15.75 -2.79 -9.69
CA TYR A 315 -15.93 -2.60 -11.14
C TYR A 315 -14.94 -1.56 -11.64
N SER A 316 -14.08 -1.13 -10.71
CA SER A 316 -13.09 -0.09 -10.98
C SER A 316 -11.80 -0.39 -10.20
N TYR A 317 -10.78 0.42 -10.43
CA TYR A 317 -9.52 0.30 -9.72
C TYR A 317 -9.61 1.16 -8.45
N THR A 318 -9.81 2.47 -8.62
CA THR A 318 -10.02 3.30 -7.41
C THR A 318 -11.29 2.87 -6.69
N PRO A 319 -11.28 2.65 -5.39
CA PRO A 319 -12.46 2.37 -4.61
C PRO A 319 -13.42 3.55 -4.68
N PRO A 320 -14.71 3.30 -4.91
CA PRO A 320 -15.72 4.33 -5.03
C PRO A 320 -15.88 5.19 -3.79
N TYR A 321 -15.36 4.82 -2.62
CA TYR A 321 -15.53 5.59 -1.42
C TYR A 321 -14.28 6.40 -1.08
N THR A 322 -13.30 6.43 -1.99
CA THR A 322 -12.09 7.26 -1.81
C THR A 322 -12.58 8.72 -1.81
N ASP A 323 -12.01 9.60 -1.02
CA ASP A 323 -12.37 11.02 -1.00
C ASP A 323 -12.18 11.67 -2.36
N GLY A 324 -13.24 12.10 -3.04
CA GLY A 324 -13.04 12.75 -4.35
C GLY A 324 -13.44 11.82 -5.48
N ALA A 325 -13.77 10.56 -5.19
CA ALA A 325 -14.15 9.69 -6.29
C ALA A 325 -15.66 9.81 -6.55
N LYS A 326 -16.04 9.97 -7.79
CA LYS A 326 -17.47 10.01 -8.18
C LYS A 326 -17.47 9.20 -9.48
N LEU A 327 -17.45 7.89 -9.37
CA LEU A 327 -17.25 6.99 -10.50
C LEU A 327 -18.53 6.59 -11.20
N VAL A 328 -18.45 6.36 -12.48
CA VAL A 328 -19.60 5.87 -13.26
C VAL A 328 -19.55 4.36 -13.28
N GLU A 329 -20.58 3.66 -12.90
CA GLU A 329 -20.63 2.20 -12.96
C GLU A 329 -20.74 1.77 -14.42
N PRO A 330 -19.84 0.92 -14.90
CA PRO A 330 -19.87 0.51 -16.29
C PRO A 330 -21.08 -0.35 -16.55
N GLU A 331 -21.61 -0.35 -17.76
CA GLU A 331 -22.80 -1.12 -18.10
C GLU A 331 -22.63 -2.63 -18.02
N TRP A 332 -21.46 -3.21 -18.28
CA TRP A 332 -21.24 -4.65 -18.14
C TRP A 332 -21.47 -5.15 -16.73
N PHE A 333 -21.28 -4.29 -15.71
CA PHE A 333 -21.43 -4.68 -14.33
C PHE A 333 -22.89 -4.95 -13.96
N LYS A 334 -23.80 -4.27 -14.64
CA LYS A 334 -25.22 -4.42 -14.41
C LYS A 334 -25.77 -5.60 -15.22
N TRP A 335 -25.03 -6.15 -16.20
CA TRP A 335 -25.57 -7.26 -16.97
C TRP A 335 -25.69 -8.50 -16.09
N SER A 336 -26.30 -9.56 -16.66
CA SER A 336 -26.34 -10.82 -15.91
C SER A 336 -25.00 -11.51 -16.17
N GLN A 337 -24.60 -12.54 -15.44
CA GLN A 337 -23.35 -13.24 -15.74
C GLN A 337 -23.45 -13.99 -17.05
N GLN A 338 -24.64 -14.51 -17.40
CA GLN A 338 -24.85 -15.24 -18.64
C GLN A 338 -24.54 -14.36 -19.85
N LYS A 339 -24.98 -13.12 -19.85
CA LYS A 339 -24.60 -12.21 -20.93
C LYS A 339 -23.11 -11.89 -20.87
N ARG A 340 -22.56 -11.72 -19.63
CA ARG A 340 -21.10 -11.44 -19.59
C ARG A 340 -20.36 -12.65 -20.18
N ASN A 341 -20.80 -13.86 -19.81
CA ASN A 341 -20.13 -15.07 -20.31
C ASN A 341 -20.23 -15.20 -21.82
N GLU A 342 -21.42 -14.98 -22.41
CA GLU A 342 -21.53 -15.10 -23.86
C GLU A 342 -20.66 -14.07 -24.55
N GLU A 343 -20.69 -12.82 -24.07
CA GLU A 343 -19.84 -11.79 -24.70
C GLU A 343 -18.35 -12.14 -24.60
N ALA A 344 -17.94 -12.72 -23.47
CA ALA A 344 -16.54 -13.10 -23.28
C ALA A 344 -16.15 -14.24 -24.22
N LYS A 345 -17.05 -15.22 -24.34
CA LYS A 345 -16.74 -16.34 -25.26
C LYS A 345 -16.64 -15.79 -26.67
N LYS A 346 -17.57 -14.88 -27.01
CA LYS A 346 -17.46 -14.30 -28.37
C LYS A 346 -16.11 -13.64 -28.56
N LEU A 347 -15.67 -12.80 -27.63
CA LEU A 347 -14.40 -12.06 -27.77
C LEU A 347 -13.18 -12.96 -27.88
N LEU A 348 -13.10 -13.97 -27.01
CA LEU A 348 -11.99 -14.91 -27.08
C LEU A 348 -11.99 -15.59 -28.47
N ALA A 349 -13.15 -16.03 -28.95
CA ALA A 349 -13.23 -16.66 -30.27
C ALA A 349 -12.73 -15.74 -31.37
N GLU A 350 -13.02 -14.44 -31.30
CA GLU A 350 -12.49 -13.46 -32.21
C GLU A 350 -10.98 -13.34 -32.09
N ALA A 351 -10.43 -13.59 -30.90
CA ALA A 351 -9.00 -13.50 -30.68
C ALA A 351 -8.23 -14.69 -31.24
N GLY A 352 -8.93 -15.74 -31.63
CA GLY A 352 -8.34 -16.92 -32.22
C GLY A 352 -8.28 -18.08 -31.24
N PHE A 353 -9.02 -17.99 -30.14
CA PHE A 353 -8.96 -19.03 -29.14
C PHE A 353 -10.14 -19.96 -29.26
N THR A 354 -9.84 -21.10 -29.88
CA THR A 354 -10.80 -22.17 -30.16
C THR A 354 -10.90 -23.16 -29.01
N ALA A 355 -11.37 -24.38 -29.28
CA ALA A 355 -11.46 -25.42 -28.27
C ALA A 355 -10.33 -26.43 -28.49
N ASP A 356 -9.73 -26.34 -29.67
CA ASP A 356 -8.58 -27.16 -30.03
C ASP A 356 -7.32 -26.37 -29.70
N LYS A 357 -7.54 -25.05 -29.61
CA LYS A 357 -6.50 -24.09 -29.27
C LYS A 357 -7.03 -23.18 -28.15
N PRO A 358 -7.08 -23.72 -26.93
CA PRO A 358 -7.59 -22.96 -25.80
C PRO A 358 -6.50 -22.06 -25.28
N LEU A 359 -6.87 -20.96 -24.66
CA LEU A 359 -5.87 -20.05 -24.11
C LEU A 359 -5.34 -20.68 -22.82
N THR A 360 -4.03 -20.75 -22.71
CA THR A 360 -3.39 -21.31 -21.52
C THR A 360 -2.43 -20.27 -20.93
N PHE A 361 -2.44 -20.05 -19.63
CA PHE A 361 -1.54 -19.02 -19.09
C PHE A 361 -1.33 -19.27 -17.60
N ASP A 362 -0.38 -18.58 -16.99
CA ASP A 362 -0.17 -18.81 -15.56
C ASP A 362 -0.88 -17.78 -14.68
N LEU A 363 -1.18 -18.19 -13.47
CA LEU A 363 -1.75 -17.22 -12.51
C LEU A 363 -0.78 -17.23 -11.32
N LEU A 364 -0.09 -16.14 -11.11
CA LEU A 364 0.91 -16.05 -10.04
C LEU A 364 0.31 -15.42 -8.79
N TYR A 365 0.56 -15.94 -7.61
CA TYR A 365 0.04 -15.35 -6.38
C TYR A 365 1.13 -15.49 -5.32
N ASN A 366 1.14 -14.63 -4.32
CA ASN A 366 2.10 -14.70 -3.21
C ASN A 366 1.48 -15.69 -2.20
N THR A 367 2.32 -16.52 -1.62
CA THR A 367 2.01 -17.58 -0.70
C THR A 367 1.03 -17.11 0.36
N SER A 368 -0.11 -17.78 0.50
CA SER A 368 -1.17 -17.34 1.40
C SER A 368 -2.36 -18.29 1.29
N ASP A 369 -3.05 -18.62 2.36
CA ASP A 369 -4.24 -19.45 2.26
C ASP A 369 -5.32 -18.75 1.47
N LEU A 370 -5.54 -17.49 1.83
CA LEU A 370 -6.57 -16.72 1.13
C LEU A 370 -6.33 -16.65 -0.38
N HIS A 371 -5.13 -16.20 -0.81
CA HIS A 371 -4.91 -16.07 -2.24
C HIS A 371 -4.93 -17.41 -2.99
N LYS A 372 -4.39 -18.46 -2.40
CA LYS A 372 -4.49 -19.79 -2.99
C LYS A 372 -5.95 -20.26 -3.12
N LYS A 373 -6.76 -20.22 -2.06
CA LYS A 373 -8.20 -20.61 -2.18
C LYS A 373 -8.91 -19.82 -3.26
N LEU A 374 -8.76 -18.51 -3.29
CA LEU A 374 -9.25 -17.65 -4.36
C LEU A 374 -8.70 -17.95 -5.75
N ALA A 375 -7.40 -18.22 -5.91
CA ALA A 375 -6.88 -18.49 -7.27
C ALA A 375 -7.46 -19.80 -7.83
N ILE A 376 -7.63 -20.80 -6.96
CA ILE A 376 -8.25 -22.08 -7.34
C ILE A 376 -9.70 -21.84 -7.77
N ALA A 377 -10.48 -21.06 -7.03
CA ALA A 377 -11.85 -20.72 -7.42
C ALA A 377 -11.91 -19.96 -8.73
N VAL A 378 -10.97 -19.03 -8.94
CA VAL A 378 -10.97 -18.23 -10.16
C VAL A 378 -10.55 -19.04 -11.36
N ALA A 379 -9.60 -19.97 -11.21
CA ALA A 379 -9.20 -20.84 -12.32
C ALA A 379 -10.34 -21.74 -12.79
N SER A 380 -11.17 -22.23 -11.87
CA SER A 380 -12.32 -23.04 -12.15
C SER A 380 -13.40 -22.23 -12.89
N ILE A 381 -13.70 -21.07 -12.33
CA ILE A 381 -14.68 -20.17 -12.96
C ILE A 381 -14.31 -19.86 -14.40
N TRP A 382 -13.05 -19.52 -14.63
CA TRP A 382 -12.56 -19.22 -15.97
C TRP A 382 -12.54 -20.46 -16.87
N LYS A 383 -12.17 -21.60 -16.28
CA LYS A 383 -12.19 -22.85 -17.05
C LYS A 383 -13.62 -23.15 -17.51
N LYS A 384 -14.58 -23.11 -16.61
CA LYS A 384 -15.97 -23.39 -16.85
C LYS A 384 -16.68 -22.34 -17.70
N ASN A 385 -16.37 -21.06 -17.56
CA ASN A 385 -17.01 -20.04 -18.35
C ASN A 385 -16.31 -19.78 -19.67
N LEU A 386 -15.01 -20.08 -19.76
CA LEU A 386 -14.29 -19.76 -21.00
C LEU A 386 -13.55 -20.94 -21.58
N GLY A 387 -13.43 -22.08 -20.89
CA GLY A 387 -12.67 -23.19 -21.44
C GLY A 387 -11.18 -22.85 -21.48
N VAL A 388 -10.73 -22.08 -20.50
CA VAL A 388 -9.32 -21.64 -20.48
C VAL A 388 -8.53 -22.47 -19.50
N ASN A 389 -7.29 -22.82 -19.79
CA ASN A 389 -6.44 -23.55 -18.88
C ASN A 389 -5.52 -22.61 -18.10
N VAL A 390 -5.59 -22.67 -16.76
CA VAL A 390 -4.72 -21.82 -15.97
C VAL A 390 -3.86 -22.66 -15.02
N ASN A 391 -2.57 -22.42 -15.07
CA ASN A 391 -1.56 -23.01 -14.23
C ASN A 391 -1.22 -22.08 -13.06
N LEU A 392 -1.50 -22.53 -11.85
CA LEU A 392 -1.24 -21.76 -10.65
C LEU A 392 0.21 -21.79 -10.23
N GLU A 393 0.77 -20.70 -9.79
CA GLU A 393 2.14 -20.64 -9.30
C GLU A 393 2.20 -19.68 -8.09
N ASN A 394 2.81 -20.13 -7.01
CA ASN A 394 3.00 -19.34 -5.80
C ASN A 394 4.43 -18.85 -5.68
N GLN A 395 4.67 -17.63 -5.20
CA GLN A 395 6.02 -17.16 -4.91
C GLN A 395 5.97 -16.47 -3.52
N GLU A 396 7.09 -16.47 -2.81
CA GLU A 396 7.18 -15.68 -1.60
C GLU A 396 7.06 -14.19 -1.97
N TRP A 397 6.59 -13.38 -1.04
CA TRP A 397 6.30 -11.96 -1.19
C TRP A 397 7.35 -11.12 -1.87
N LYS A 398 8.59 -11.13 -1.37
CA LYS A 398 9.62 -10.31 -2.00
C LYS A 398 9.90 -10.71 -3.46
N THR A 399 9.91 -12.00 -3.75
CA THR A 399 10.10 -12.51 -5.09
C THR A 399 8.95 -12.19 -6.03
N PHE A 400 7.75 -12.37 -5.52
CA PHE A 400 6.52 -12.02 -6.23
C PHE A 400 6.48 -10.57 -6.71
N LEU A 401 6.89 -9.63 -5.87
CA LEU A 401 6.84 -8.20 -6.27
C LEU A 401 7.84 -7.91 -7.39
N ASP A 402 9.02 -8.51 -7.20
CA ASP A 402 10.12 -8.50 -8.15
C ASP A 402 9.75 -9.06 -9.51
N THR A 403 9.15 -10.25 -9.56
CA THR A 403 8.64 -10.85 -10.78
C THR A 403 7.66 -9.88 -11.49
N ARG A 404 6.79 -9.22 -10.72
CA ARG A 404 5.83 -8.30 -11.32
C ARG A 404 6.52 -7.11 -11.97
N HIS A 405 7.47 -6.48 -11.33
CA HIS A 405 8.23 -5.37 -11.92
C HIS A 405 9.00 -5.84 -13.15
N GLN A 406 9.62 -7.02 -13.10
CA GLN A 406 10.34 -7.60 -14.21
C GLN A 406 9.46 -7.93 -15.41
N GLY A 407 8.17 -8.18 -15.25
CA GLY A 407 7.33 -8.50 -16.40
C GLY A 407 7.42 -10.00 -16.72
N THR A 408 7.93 -10.86 -15.85
CA THR A 408 7.98 -12.29 -16.20
C THR A 408 6.82 -13.06 -15.62
N PHE A 409 5.61 -12.63 -16.02
CA PHE A 409 4.38 -13.23 -15.60
C PHE A 409 3.32 -13.03 -16.68
N ASP A 410 2.20 -13.74 -16.51
CA ASP A 410 1.08 -13.59 -17.42
C ASP A 410 0.00 -12.78 -16.71
N VAL A 411 -0.62 -13.40 -15.69
CA VAL A 411 -1.63 -12.74 -14.89
C VAL A 411 -1.20 -12.88 -13.42
N ALA A 412 -1.45 -11.94 -12.55
CA ALA A 412 -1.05 -12.12 -11.17
C ALA A 412 -2.16 -11.61 -10.23
N ARG A 413 -2.23 -12.25 -9.10
CA ARG A 413 -3.09 -11.82 -8.00
C ARG A 413 -2.50 -10.45 -7.59
N ALA A 414 -3.32 -9.45 -7.32
CA ALA A 414 -2.78 -8.13 -6.98
C ALA A 414 -3.70 -7.45 -5.97
N GLY A 415 -3.17 -6.38 -5.43
CA GLY A 415 -3.92 -5.60 -4.45
C GLY A 415 -3.12 -4.30 -4.21
N TRP A 416 -3.88 -3.22 -4.28
CA TRP A 416 -3.27 -1.90 -4.08
C TRP A 416 -4.04 -1.22 -2.96
N CYS A 417 -3.33 -0.65 -1.99
CA CYS A 417 -3.92 0.14 -0.94
C CYS A 417 -3.46 1.59 -1.05
N ALA A 418 -4.38 2.52 -0.85
CA ALA A 418 -4.02 3.92 -1.00
C ALA A 418 -2.86 4.31 -0.08
N ASP A 419 -2.02 5.24 -0.55
CA ASP A 419 -0.98 5.84 0.24
C ASP A 419 -1.45 7.17 0.82
N TYR A 420 -2.46 7.75 0.21
CA TYR A 420 -3.09 8.99 0.67
C TYR A 420 -4.52 8.93 0.19
N ASN A 421 -5.46 9.62 0.82
CA ASN A 421 -6.87 9.46 0.42
C ASN A 421 -7.28 10.49 -0.63
N GLU A 422 -7.05 10.09 -1.86
CA GLU A 422 -7.35 10.98 -3.05
C GLU A 422 -7.19 10.02 -4.21
N PRO A 423 -8.01 10.11 -5.23
CA PRO A 423 -7.98 9.12 -6.31
C PRO A 423 -6.64 8.99 -7.02
N THR A 424 -5.77 10.00 -7.08
CA THR A 424 -4.48 9.88 -7.80
C THR A 424 -3.56 8.92 -7.07
N SER A 425 -3.81 8.60 -5.80
CA SER A 425 -3.02 7.60 -5.09
C SER A 425 -3.19 6.25 -5.78
N PHE A 426 -4.36 6.00 -6.36
CA PHE A 426 -4.54 4.80 -7.18
C PHE A 426 -4.13 5.10 -8.61
N LEU A 427 -4.71 6.18 -9.19
CA LEU A 427 -4.56 6.43 -10.62
C LEU A 427 -3.16 6.74 -11.10
N ASN A 428 -2.32 7.35 -10.26
CA ASN A 428 -0.95 7.61 -10.67
C ASN A 428 -0.16 6.35 -10.97
N THR A 429 -0.55 5.18 -10.44
CA THR A 429 0.21 3.96 -10.67
C THR A 429 0.06 3.42 -12.08
N MET A 430 -0.93 3.86 -12.85
CA MET A 430 -1.11 3.34 -14.21
C MET A 430 -0.53 4.29 -15.26
N LEU A 431 0.13 5.36 -14.76
CA LEU A 431 0.82 6.27 -15.68
C LEU A 431 1.87 5.45 -16.42
N SER A 432 2.13 5.72 -17.68
CA SER A 432 3.12 5.01 -18.49
C SER A 432 4.48 4.88 -17.83
N ASP A 433 5.02 5.98 -17.29
CA ASP A 433 6.33 5.93 -16.66
C ASP A 433 6.30 5.73 -15.16
N SER A 434 5.20 5.33 -14.53
CA SER A 434 5.24 5.20 -13.06
C SER A 434 6.14 4.06 -12.61
N SER A 435 6.94 4.22 -11.57
CA SER A 435 7.71 3.09 -11.00
C SER A 435 6.77 2.08 -10.34
N ASN A 436 5.51 2.41 -10.05
CA ASN A 436 4.57 1.45 -9.49
C ASN A 436 3.74 0.75 -10.58
N ASN A 437 3.98 1.00 -11.87
CA ASN A 437 3.16 0.37 -12.92
C ASN A 437 3.60 -1.06 -13.18
N THR A 438 3.05 -2.03 -12.45
CA THR A 438 3.36 -3.45 -12.61
C THR A 438 2.43 -4.10 -13.62
N ALA A 439 1.34 -3.39 -14.02
CA ALA A 439 0.46 -3.94 -15.05
C ALA A 439 1.13 -3.76 -16.41
N HIS A 440 2.18 -2.93 -16.45
CA HIS A 440 2.92 -2.56 -17.65
C HIS A 440 1.96 -1.94 -18.67
N TYR A 441 1.01 -1.15 -18.17
CA TYR A 441 -0.03 -0.49 -18.96
C TYR A 441 0.49 0.84 -19.48
N LYS A 442 0.32 1.09 -20.79
CA LYS A 442 0.87 2.32 -21.37
C LYS A 442 -0.17 2.96 -22.28
N SER A 443 -0.78 4.05 -21.81
CA SER A 443 -1.79 4.72 -22.58
C SER A 443 -1.62 6.22 -22.52
N PRO A 444 -1.25 6.80 -23.67
CA PRO A 444 -1.16 8.25 -23.81
C PRO A 444 -2.49 8.93 -23.49
N ALA A 445 -3.64 8.39 -23.85
CA ALA A 445 -4.90 9.03 -23.44
C ALA A 445 -5.07 9.02 -21.92
N PHE A 446 -4.69 7.90 -21.27
CA PHE A 446 -4.83 7.83 -19.82
C PHE A 446 -3.90 8.89 -19.20
N ASP A 447 -2.63 8.90 -19.61
CA ASP A 447 -1.68 9.83 -19.02
C ASP A 447 -2.12 11.28 -19.14
N LYS A 448 -2.67 11.62 -20.30
CA LYS A 448 -3.16 12.99 -20.53
C LYS A 448 -4.29 13.37 -19.58
N LEU A 449 -5.24 12.45 -19.35
CA LEU A 449 -6.34 12.74 -18.44
C LEU A 449 -5.85 13.08 -17.05
N ILE A 450 -4.90 12.30 -16.54
CA ILE A 450 -4.35 12.58 -15.21
C ILE A 450 -3.61 13.90 -15.19
N ALA A 451 -2.80 14.20 -16.21
CA ALA A 451 -2.09 15.46 -16.31
C ALA A 451 -3.05 16.67 -16.28
N ASP A 452 -4.21 16.54 -16.91
CA ASP A 452 -5.20 17.61 -16.93
C ASP A 452 -5.81 17.92 -15.58
N THR A 453 -5.75 16.99 -14.61
CA THR A 453 -6.36 17.18 -13.32
C THR A 453 -5.71 18.30 -12.53
N LEU A 454 -4.45 18.62 -12.78
CA LEU A 454 -3.80 19.71 -12.08
C LEU A 454 -3.80 21.01 -12.88
N LYS A 455 -4.31 20.99 -14.11
CA LYS A 455 -4.41 22.23 -14.88
C LYS A 455 -5.74 22.93 -14.60
N VAL A 456 -6.70 22.24 -13.99
CA VAL A 456 -7.99 22.83 -13.66
C VAL A 456 -7.90 23.27 -12.21
N ALA A 457 -8.73 24.21 -11.76
CA ALA A 457 -8.61 24.59 -10.36
C ALA A 457 -9.89 24.45 -9.56
N ASP A 458 -10.65 23.39 -9.83
CA ASP A 458 -11.85 23.10 -9.05
C ASP A 458 -12.04 21.58 -8.97
N ASP A 459 -12.57 21.16 -7.82
CA ASP A 459 -12.84 19.79 -7.53
C ASP A 459 -13.81 19.07 -8.44
N THR A 460 -14.83 19.73 -8.97
CA THR A 460 -15.77 19.02 -9.81
C THR A 460 -15.13 18.60 -11.12
N GLN A 461 -14.36 19.52 -11.72
CA GLN A 461 -13.74 19.13 -12.98
C GLN A 461 -12.71 18.02 -12.71
N ARG A 462 -12.04 18.12 -11.57
CA ARG A 462 -11.03 17.10 -11.23
C ARG A 462 -11.66 15.72 -11.11
N SER A 463 -12.74 15.63 -10.35
CA SER A 463 -13.50 14.42 -10.11
C SER A 463 -14.04 13.85 -11.39
N GLU A 464 -14.50 14.71 -12.31
CA GLU A 464 -15.00 14.27 -13.61
C GLU A 464 -13.90 13.63 -14.42
N LEU A 465 -12.70 14.22 -14.35
CA LEU A 465 -11.54 13.68 -15.04
C LEU A 465 -11.08 12.35 -14.43
N TYR A 466 -11.13 12.25 -13.10
CA TYR A 466 -10.78 10.99 -12.46
C TYR A 466 -11.77 9.93 -12.96
N ALA A 467 -13.06 10.30 -13.06
CA ALA A 467 -14.03 9.31 -13.55
C ALA A 467 -13.76 8.92 -15.00
N LYS A 468 -13.32 9.86 -15.84
CA LYS A 468 -13.03 9.49 -17.24
C LYS A 468 -11.79 8.62 -17.31
N ALA A 469 -10.79 8.86 -16.47
CA ALA A 469 -9.58 8.01 -16.41
C ALA A 469 -9.96 6.60 -15.99
N GLU A 470 -10.90 6.45 -15.02
CA GLU A 470 -11.33 5.08 -14.66
C GLU A 470 -11.99 4.41 -15.87
N GLN A 471 -12.82 5.13 -16.58
CA GLN A 471 -13.48 4.66 -17.79
C GLN A 471 -12.46 4.25 -18.85
N GLN A 472 -11.40 5.01 -19.07
CA GLN A 472 -10.36 4.62 -20.02
C GLN A 472 -9.69 3.30 -19.68
N LEU A 473 -9.36 3.15 -18.39
CA LEU A 473 -8.82 1.90 -17.84
C LEU A 473 -9.77 0.76 -18.10
N ASP A 474 -11.06 0.97 -17.78
CA ASP A 474 -12.06 -0.06 -17.99
C ASP A 474 -12.24 -0.40 -19.47
N LYS A 475 -12.20 0.59 -20.35
CA LYS A 475 -12.34 0.35 -21.77
C LYS A 475 -11.15 -0.46 -22.26
N ASP A 476 -9.96 -0.19 -21.71
CA ASP A 476 -8.79 -0.97 -22.13
C ASP A 476 -8.69 -2.31 -21.44
N SER A 477 -9.48 -2.52 -20.39
CA SER A 477 -9.44 -3.73 -19.59
C SER A 477 -8.04 -4.00 -19.12
N ALA A 478 -7.38 -2.96 -18.62
CA ALA A 478 -6.03 -3.05 -18.11
C ALA A 478 -5.95 -4.09 -16.98
N ILE A 479 -6.97 -4.17 -16.13
CA ILE A 479 -6.97 -5.11 -15.02
C ILE A 479 -8.30 -5.83 -14.97
N VAL A 480 -8.39 -6.76 -14.03
CA VAL A 480 -9.57 -7.47 -13.66
C VAL A 480 -9.90 -7.15 -12.21
N PRO A 481 -10.84 -6.23 -11.99
CA PRO A 481 -11.25 -5.85 -10.64
C PRO A 481 -12.00 -6.99 -9.99
N VAL A 482 -11.73 -7.25 -8.69
CA VAL A 482 -12.49 -8.34 -8.07
C VAL A 482 -13.32 -7.81 -6.91
N TYR A 483 -12.68 -7.26 -5.85
CA TYR A 483 -13.48 -6.71 -4.77
C TYR A 483 -12.72 -5.57 -4.09
N TYR A 484 -13.45 -4.74 -3.38
CA TYR A 484 -12.90 -3.65 -2.58
C TYR A 484 -12.76 -4.29 -1.20
N TYR A 485 -11.58 -4.19 -0.62
CA TYR A 485 -11.36 -4.87 0.67
C TYR A 485 -12.12 -4.19 1.82
N VAL A 486 -12.27 -4.94 2.90
CA VAL A 486 -12.65 -4.45 4.19
C VAL A 486 -11.38 -4.77 5.06
N ASN A 487 -11.13 -3.97 6.06
CA ASN A 487 -10.01 -4.23 6.96
C ASN A 487 -10.52 -5.11 8.12
N ALA A 488 -10.28 -6.40 8.00
CA ALA A 488 -10.72 -7.38 8.97
C ALA A 488 -9.53 -8.02 9.68
N ARG A 489 -9.51 -7.94 11.00
CA ARG A 489 -8.46 -8.55 11.77
C ARG A 489 -8.96 -8.88 13.18
N LEU A 490 -8.16 -9.71 13.86
CA LEU A 490 -8.57 -10.02 15.25
C LEU A 490 -7.64 -9.22 16.15
N VAL A 491 -8.16 -8.66 17.22
CA VAL A 491 -7.36 -7.81 18.13
C VAL A 491 -7.72 -8.17 19.56
N LYS A 492 -6.78 -8.56 20.43
CA LYS A 492 -7.19 -8.97 21.79
C LYS A 492 -7.93 -7.86 22.50
N PRO A 493 -8.85 -8.20 23.41
CA PRO A 493 -9.59 -7.24 24.20
C PRO A 493 -8.70 -6.36 25.06
N TRP A 494 -7.53 -6.82 25.48
CA TRP A 494 -6.58 -5.99 26.22
C TRP A 494 -5.68 -5.07 25.36
N VAL A 495 -5.81 -5.06 24.05
CA VAL A 495 -5.09 -4.06 23.22
C VAL A 495 -5.92 -2.77 23.12
N GLY A 496 -5.50 -1.69 23.79
CA GLY A 496 -6.27 -0.45 23.68
C GLY A 496 -5.68 0.45 22.57
N GLY A 497 -6.46 1.42 22.12
CA GLY A 497 -6.02 2.44 21.19
C GLY A 497 -6.22 2.15 19.70
N TYR A 498 -6.74 1.00 19.31
CA TYR A 498 -6.95 0.72 17.87
C TYR A 498 -8.39 1.10 17.57
N THR A 499 -8.66 2.20 16.87
CA THR A 499 -10.03 2.61 16.59
C THR A 499 -10.59 1.91 15.36
N GLY A 500 -9.79 1.57 14.34
CA GLY A 500 -10.39 1.03 13.12
C GLY A 500 -10.96 2.15 12.25
N LYS A 501 -10.83 3.41 12.65
CA LYS A 501 -11.42 4.50 11.92
C LYS A 501 -10.60 5.01 10.75
N ASP A 502 -9.31 4.71 10.68
CA ASP A 502 -8.47 5.14 9.56
C ASP A 502 -8.63 4.16 8.41
N PRO A 503 -9.14 4.60 7.27
CA PRO A 503 -9.31 3.75 6.09
C PRO A 503 -8.00 3.42 5.39
N LEU A 504 -6.87 3.97 5.83
CA LEU A 504 -5.55 3.64 5.27
C LEU A 504 -4.83 2.67 6.22
N ASP A 505 -5.41 2.41 7.40
CA ASP A 505 -4.80 1.54 8.39
C ASP A 505 -3.35 1.94 8.68
N ASN A 506 -3.08 3.22 8.91
CA ASN A 506 -1.72 3.67 9.25
C ASN A 506 -1.55 3.54 10.75
N ILE A 507 -1.39 2.33 11.25
CA ILE A 507 -1.27 2.14 12.72
C ILE A 507 0.16 2.47 13.10
N TYR A 508 0.33 3.06 14.27
CA TYR A 508 1.58 3.33 14.92
C TYR A 508 1.53 2.60 16.28
N VAL A 509 2.49 1.73 16.60
CA VAL A 509 2.50 1.07 17.91
C VAL A 509 2.66 2.06 19.06
N LYS A 510 3.18 3.28 18.84
CA LYS A 510 3.26 4.31 19.86
C LYS A 510 1.88 4.79 20.35
N ASN A 511 0.81 4.43 19.64
CA ASN A 511 -0.52 4.83 20.04
C ASN A 511 -1.30 3.79 20.83
N LEU A 512 -0.81 2.58 20.92
CA LEU A 512 -1.47 1.45 21.54
C LEU A 512 -0.99 1.30 23.00
N TYR A 513 -1.71 0.53 23.79
CA TYR A 513 -1.39 0.27 25.19
C TYR A 513 -2.04 -1.06 25.60
N ILE A 514 -1.44 -1.73 26.57
CA ILE A 514 -2.02 -3.02 26.99
C ILE A 514 -2.78 -2.84 28.30
N ILE A 515 -4.01 -3.26 28.28
CA ILE A 515 -4.85 -3.20 29.48
C ILE A 515 -4.52 -4.36 30.40
N LYS A 516 -4.49 -4.06 31.72
CA LYS A 516 -4.17 -5.15 32.65
C LYS A 516 -5.12 -6.32 32.44
N HIS A 517 -4.63 -7.55 32.39
CA HIS A 517 -5.51 -8.70 32.24
C HIS A 517 -4.77 -9.88 32.87
N LYS B 1 0.41 1.50 -1.90
CA LYS B 1 1.34 0.40 -1.52
C LYS B 1 0.72 -0.95 -1.84
N TYR B 2 1.54 -1.93 -2.16
CA TYR B 2 1.09 -3.29 -2.46
C TYR B 2 0.63 -4.07 -1.24
N LYS B 3 -0.48 -4.80 -1.42
CA LYS B 3 -1.03 -5.60 -0.35
C LYS B 3 -1.20 -7.06 -0.82
U IUM C . -11.70 15.83 2.11
U IUM D . -9.41 21.86 0.62
U IUM E . -9.81 23.23 -3.31
U IUM F . -5.46 -24.47 4.00
U IUM G . 3.14 -18.63 -19.25
U IUM H . -3.22 -12.21 34.09
U IUM I . 0.87 -11.81 34.90
U IUM J . 3.55 -7.51 38.06
#